data_2BUJ
#
_entry.id   2BUJ
#
_cell.length_a   104.554
_cell.length_b   168.901
_cell.length_c   129.729
_cell.angle_alpha   90.00
_cell.angle_beta   90.00
_cell.angle_gamma   90.00
#
_symmetry.space_group_name_H-M   'C 2 2 21'
#
loop_
_entity.id
_entity.type
_entity.pdbx_description
1 polymer 'SERINE/THREONINE-PROTEIN KINASE 16'
2 non-polymer 'CHLORIDE ION'
3 non-polymer STAUROSPORINE
4 water water
#
_entity_poly.entity_id   1
_entity_poly.type   'polypeptide(L)'
_entity_poly.pdbx_seq_one_letter_code
;MGSSHHHHHHSSGRENLYFQGHMVIIDNKHYLFIQKLGEGGFSYVDLVEGLHDGHFYALKRILCHEQQDREEAQREADMH
RLFNHPNILRLVAYCLRERGAKHEAWLLLPFFKRGTLWNEIERLKDKGNFLTEDQILWLLLGICRGLEAIHAKGYAHRDL
KPTNILLGDEGQPVLMDLGSMNQACIHVEGSRQALTLQDWAAQRCTISYRAPELFSVQSHCVIDERTDVWSLGCVLYAMM
FGEGPYDMVFQKGDSVALAVQNQLSIPQSPRHSSALWQLLNSMMTVDPHQRPHIPLLLSQLEALQPPAPGQHTTQIL
;
_entity_poly.pdbx_strand_id   A,B
#
loop_
_chem_comp.id
_chem_comp.type
_chem_comp.name
_chem_comp.formula
CL non-polymer 'CHLORIDE ION' 'Cl -1'
STU non-polymer STAUROSPORINE 'C28 H26 N4 O3'
#
# COMPACT_ATOMS: atom_id res chain seq x y z
N ASN A 16 -6.13 -21.63 1.73
CA ASN A 16 -7.52 -21.53 2.35
C ASN A 16 -7.65 -20.26 3.21
N LEU A 17 -6.52 -19.81 3.80
CA LEU A 17 -6.49 -18.59 4.66
C LEU A 17 -6.08 -17.35 3.90
N TYR A 18 -5.40 -17.52 2.77
CA TYR A 18 -5.24 -16.44 1.80
C TYR A 18 -6.59 -16.22 1.11
N PHE A 19 -6.78 -15.11 0.39
CA PHE A 19 -7.98 -14.98 -0.45
C PHE A 19 -7.68 -14.36 -1.81
N GLN A 20 -8.41 -14.78 -2.86
CA GLN A 20 -8.18 -14.27 -4.23
C GLN A 20 -8.59 -12.79 -4.33
N GLY A 21 -7.87 -12.06 -5.16
CA GLY A 21 -8.30 -10.73 -5.53
C GLY A 21 -7.66 -10.35 -6.83
N HIS A 22 -8.19 -9.32 -7.46
CA HIS A 22 -7.68 -8.81 -8.72
C HIS A 22 -7.18 -7.43 -8.45
N MET A 23 -6.03 -7.09 -8.99
CA MET A 23 -5.44 -5.80 -8.71
C MET A 23 -4.70 -5.22 -9.88
N VAL A 24 -4.30 -3.97 -9.74
CA VAL A 24 -3.48 -3.28 -10.71
C VAL A 24 -2.45 -2.46 -9.95
N ILE A 25 -1.42 -2.02 -10.66
CA ILE A 25 -0.40 -1.15 -10.12
C ILE A 25 -0.47 0.16 -10.89
N ILE A 26 -0.53 1.28 -10.17
CA ILE A 26 -0.53 2.58 -10.81
C ILE A 26 0.41 3.45 -10.00
N ASP A 27 1.37 4.04 -10.68
CA ASP A 27 2.42 4.86 -10.09
C ASP A 27 3.03 4.13 -8.89
N ASN A 28 3.40 2.87 -9.12
CA ASN A 28 3.99 1.99 -8.10
C ASN A 28 3.11 1.65 -6.90
N LYS A 29 1.80 1.78 -7.06
CA LYS A 29 0.90 1.56 -5.94
C LYS A 29 -0.17 0.57 -6.35
N HIS A 30 -0.54 -0.32 -5.43
CA HIS A 30 -1.42 -1.42 -5.74
C HIS A 30 -2.84 -1.06 -5.39
N TYR A 31 -3.76 -1.33 -6.30
CA TYR A 31 -5.17 -1.05 -6.10
C TYR A 31 -5.98 -2.34 -6.27
N LEU A 32 -6.97 -2.56 -5.38
CA LEU A 32 -7.77 -3.78 -5.37
C LEU A 32 -9.10 -3.55 -6.06
N PHE A 33 -9.44 -4.42 -6.99
CA PHE A 33 -10.74 -4.37 -7.59
C PHE A 33 -11.79 -4.62 -6.51
N ILE A 34 -12.86 -3.83 -6.56
CA ILE A 34 -14.00 -4.02 -5.66
C ILE A 34 -15.25 -4.37 -6.48
N GLN A 35 -15.70 -3.44 -7.33
CA GLN A 35 -16.87 -3.67 -8.17
C GLN A 35 -16.89 -2.74 -9.38
N LYS A 36 -17.69 -3.10 -10.38
CA LYS A 36 -17.96 -2.24 -11.54
C LYS A 36 -18.86 -1.09 -11.11
N LEU A 37 -18.48 0.13 -11.47
CA LEU A 37 -19.24 1.31 -11.12
C LEU A 37 -20.13 1.74 -12.24
N GLY A 38 -19.71 1.50 -13.49
CA GLY A 38 -20.54 1.81 -14.64
C GLY A 38 -19.83 2.06 -15.95
N GLU A 39 -20.49 2.83 -16.82
CA GLU A 39 -20.00 3.30 -18.14
C GLU A 39 -20.99 4.30 -18.78
N PHE A 42 -17.41 2.30 -25.15
CA PHE A 42 -16.25 3.19 -25.18
C PHE A 42 -15.35 3.19 -23.91
N SER A 43 -15.93 3.26 -22.70
CA SER A 43 -15.13 3.22 -21.45
C SER A 43 -15.82 2.55 -20.26
N TYR A 44 -15.03 1.94 -19.37
CA TYR A 44 -15.51 1.38 -18.09
C TYR A 44 -15.04 2.22 -16.92
N VAL A 45 -15.76 2.14 -15.81
CA VAL A 45 -15.31 2.74 -14.58
C VAL A 45 -15.40 1.71 -13.49
N ASP A 46 -14.32 1.51 -12.75
CA ASP A 46 -14.25 0.46 -11.69
C ASP A 46 -14.02 1.08 -10.32
N LEU A 47 -14.66 0.54 -9.30
CA LEU A 47 -14.36 0.95 -7.94
C LEU A 47 -13.16 0.14 -7.46
N VAL A 48 -12.12 0.84 -7.03
CA VAL A 48 -10.92 0.18 -6.53
C VAL A 48 -10.51 0.77 -5.20
N GLU A 49 -9.78 -0.03 -4.43
CA GLU A 49 -9.32 0.36 -3.11
C GLU A 49 -7.81 0.42 -3.11
N GLY A 50 -7.25 1.52 -2.63
CA GLY A 50 -5.82 1.67 -2.53
C GLY A 50 -5.33 0.94 -1.30
N LEU A 51 -4.32 0.10 -1.47
CA LEU A 51 -3.85 -0.78 -0.39
C LEU A 51 -2.76 -0.15 0.48
N HIS A 52 -2.23 0.97 0.02
CA HIS A 52 -1.30 1.82 0.77
C HIS A 52 -2.02 2.68 1.79
N ASP A 53 -3.15 3.27 1.39
CA ASP A 53 -3.82 4.30 2.20
C ASP A 53 -5.26 4.01 2.65
N GLY A 54 -5.90 2.95 2.13
CA GLY A 54 -7.26 2.58 2.55
C GLY A 54 -8.40 3.27 1.80
N HIS A 55 -8.09 4.32 1.05
CA HIS A 55 -9.10 5.12 0.38
C HIS A 55 -9.64 4.44 -0.88
N PHE A 56 -10.84 4.83 -1.31
CA PHE A 56 -11.48 4.30 -2.50
C PHE A 56 -11.35 5.22 -3.71
N TYR A 57 -11.34 4.62 -4.90
CA TYR A 57 -11.16 5.36 -6.14
C TYR A 57 -12.02 4.79 -7.25
N ALA A 58 -12.26 5.65 -8.23
CA ALA A 58 -12.98 5.29 -9.42
C ALA A 58 -11.94 5.29 -10.53
N LEU A 59 -11.75 4.13 -11.14
CA LEU A 59 -10.71 3.94 -12.14
C LEU A 59 -11.39 3.89 -13.47
N LYS A 60 -11.19 4.94 -14.27
CA LYS A 60 -11.85 5.04 -15.58
C LYS A 60 -10.90 4.50 -16.61
N ARG A 61 -11.36 3.52 -17.37
CA ARG A 61 -10.53 2.86 -18.34
C ARG A 61 -11.12 3.11 -19.71
N ILE A 62 -10.32 3.74 -20.57
CA ILE A 62 -10.71 4.09 -21.94
C ILE A 62 -10.05 3.12 -22.90
N LEU A 63 -10.85 2.53 -23.79
CA LEU A 63 -10.37 1.57 -24.80
C LEU A 63 -9.82 2.24 -26.06
N CYS A 64 -8.62 1.86 -26.47
CA CYS A 64 -7.98 2.49 -27.62
C CYS A 64 -7.83 1.54 -28.75
N HIS A 65 -8.27 1.99 -29.91
CA HIS A 65 -8.07 1.30 -31.16
C HIS A 65 -7.18 2.10 -32.11
N GLU A 66 -7.17 3.42 -31.96
CA GLU A 66 -6.37 4.30 -32.79
C GLU A 66 -5.53 5.25 -31.96
N GLN A 67 -4.60 5.95 -32.62
CA GLN A 67 -3.78 6.98 -31.97
C GLN A 67 -4.64 8.14 -31.42
N GLN A 68 -5.66 8.53 -32.19
CA GLN A 68 -6.63 9.54 -31.76
C GLN A 68 -7.16 9.27 -30.36
N ASP A 69 -7.32 7.99 -30.00
CA ASP A 69 -7.91 7.61 -28.71
C ASP A 69 -6.95 7.91 -27.57
N ARG A 70 -5.68 7.61 -27.77
CA ARG A 70 -4.64 7.99 -26.82
C ARG A 70 -4.56 9.51 -26.65
N GLU A 71 -4.81 10.22 -27.75
CA GLU A 71 -4.72 11.68 -27.78
C GLU A 71 -5.88 12.32 -27.02
N GLU A 72 -7.09 11.86 -27.30
CA GLU A 72 -8.31 12.30 -26.58
C GLU A 72 -8.20 12.05 -25.08
N ALA A 73 -7.54 10.95 -24.66
CA ALA A 73 -7.41 10.64 -23.23
C ALA A 73 -6.34 11.47 -22.57
N GLN A 74 -5.22 11.69 -23.26
CA GLN A 74 -4.22 12.68 -22.82
C GLN A 74 -4.88 14.04 -22.58
N ARG A 75 -5.70 14.47 -23.54
CA ARG A 75 -6.39 15.79 -23.49
C ARG A 75 -7.18 15.89 -22.21
N GLU A 76 -8.05 14.90 -21.98
CA GLU A 76 -8.89 14.88 -20.80
C GLU A 76 -8.05 14.92 -19.52
N ALA A 77 -7.10 14.01 -19.39
CA ALA A 77 -6.17 14.05 -18.27
C ALA A 77 -5.58 15.46 -18.08
N ASP A 78 -5.19 16.11 -19.16
CA ASP A 78 -4.63 17.45 -19.04
C ASP A 78 -5.63 18.51 -18.55
N MET A 79 -6.89 18.42 -18.95
CA MET A 79 -7.93 19.32 -18.40
C MET A 79 -8.01 19.20 -16.89
N HIS A 80 -7.97 17.97 -16.38
CA HIS A 80 -8.07 17.79 -14.93
C HIS A 80 -6.93 18.49 -14.20
N ARG A 81 -5.71 18.47 -14.75
CA ARG A 81 -4.56 19.01 -14.03
C ARG A 81 -4.32 20.46 -14.31
N LEU A 82 -5.17 21.06 -15.13
CA LEU A 82 -5.29 22.51 -15.16
C LEU A 82 -5.81 23.14 -13.85
N PHE A 83 -6.53 22.38 -13.02
CA PHE A 83 -7.22 22.96 -11.85
C PHE A 83 -6.89 22.25 -10.55
N ASN A 84 -6.92 23.03 -9.49
CA ASN A 84 -6.82 22.52 -8.12
C ASN A 84 -7.87 23.22 -7.27
N HIS A 85 -9.13 22.89 -7.54
CA HIS A 85 -10.26 23.63 -6.99
C HIS A 85 -11.18 22.61 -6.30
N PRO A 86 -11.76 22.97 -5.16
CA PRO A 86 -12.66 21.99 -4.48
C PRO A 86 -13.94 21.57 -5.25
N ASN A 87 -14.38 22.38 -6.21
CA ASN A 87 -15.57 22.06 -7.00
C ASN A 87 -15.26 21.49 -8.37
N ILE A 88 -14.04 20.97 -8.54
CA ILE A 88 -13.64 20.37 -9.81
C ILE A 88 -12.85 19.12 -9.52
N LEU A 89 -13.35 18.02 -10.08
CA LEU A 89 -12.78 16.70 -9.83
C LEU A 89 -11.29 16.67 -10.10
N ARG A 90 -10.51 16.25 -9.12
CA ARG A 90 -9.09 16.14 -9.37
C ARG A 90 -8.71 14.77 -9.93
N LEU A 91 -7.57 14.75 -10.64
CA LEU A 91 -6.95 13.55 -11.21
C LEU A 91 -5.86 13.02 -10.31
N VAL A 92 -6.04 11.80 -9.84
CA VAL A 92 -5.05 11.19 -8.97
C VAL A 92 -3.84 10.68 -9.77
N ALA A 93 -4.10 10.04 -10.91
CA ALA A 93 -3.04 9.51 -11.79
C ALA A 93 -3.58 9.20 -13.19
N TYR A 94 -2.70 9.27 -14.18
CA TYR A 94 -3.00 8.92 -15.59
C TYR A 94 -2.02 7.85 -16.04
N CYS A 95 -2.45 6.84 -16.78
CA CYS A 95 -1.46 5.95 -17.43
C CYS A 95 -1.97 5.17 -18.61
N LEU A 96 -1.01 4.62 -19.36
CA LEU A 96 -1.29 3.77 -20.52
C LEU A 96 -0.93 2.33 -20.21
N ARG A 97 -1.82 1.41 -20.58
CA ARG A 97 -1.67 0.00 -20.31
C ARG A 97 -2.02 -0.77 -21.58
N GLU A 98 -1.22 -1.78 -21.90
CA GLU A 98 -1.54 -2.66 -22.99
C GLU A 98 -1.20 -4.07 -22.59
N ARG A 99 -1.91 -5.03 -23.19
CA ARG A 99 -1.61 -6.45 -23.04
C ARG A 99 -2.00 -7.21 -24.31
N GLY A 100 -0.99 -7.67 -25.05
CA GLY A 100 -1.23 -8.21 -26.37
C GLY A 100 -1.75 -7.09 -27.22
N ALA A 101 -2.89 -7.33 -27.89
CA ALA A 101 -3.51 -6.31 -28.75
C ALA A 101 -4.36 -5.27 -27.99
N LYS A 102 -4.84 -5.60 -26.77
CA LYS A 102 -5.66 -4.71 -25.92
C LYS A 102 -4.86 -3.51 -25.39
N HIS A 103 -5.27 -2.31 -25.74
CA HIS A 103 -4.63 -1.07 -25.31
C HIS A 103 -5.60 -0.19 -24.60
N GLU A 104 -5.22 0.32 -23.43
CA GLU A 104 -6.11 1.19 -22.68
C GLU A 104 -5.42 2.39 -22.08
N ALA A 105 -6.19 3.43 -21.82
CA ALA A 105 -5.72 4.59 -21.08
C ALA A 105 -6.58 4.74 -19.82
N TRP A 106 -5.92 4.97 -18.69
CA TRP A 106 -6.54 4.93 -17.36
C TRP A 106 -6.42 6.29 -16.69
N LEU A 107 -7.56 6.78 -16.19
CA LEU A 107 -7.62 7.93 -15.29
C LEU A 107 -8.12 7.44 -13.93
N LEU A 108 -7.27 7.61 -12.92
CA LEU A 108 -7.61 7.29 -11.56
C LEU A 108 -8.19 8.53 -10.91
N LEU A 109 -9.36 8.39 -10.28
CA LEU A 109 -10.03 9.53 -9.69
C LEU A 109 -10.57 9.24 -8.26
N PRO A 110 -10.85 10.29 -7.46
CA PRO A 110 -11.50 10.12 -6.17
C PRO A 110 -12.89 9.50 -6.29
N PHE A 111 -13.32 8.78 -5.26
CA PHE A 111 -14.64 8.14 -5.23
C PHE A 111 -15.60 8.88 -4.30
N PHE A 112 -16.75 9.25 -4.86
CA PHE A 112 -17.79 9.93 -4.12
C PHE A 112 -18.95 8.99 -3.90
N LYS A 113 -19.00 8.44 -2.69
CA LYS A 113 -20.00 7.44 -2.32
C LYS A 113 -21.44 7.92 -2.49
N ARG A 114 -21.67 9.24 -2.45
CA ARG A 114 -23.03 9.78 -2.62
C ARG A 114 -23.52 9.80 -4.08
N GLY A 115 -22.59 9.62 -5.00
CA GLY A 115 -22.95 9.62 -6.39
C GLY A 115 -23.28 11.02 -6.84
N THR A 116 -24.26 11.11 -7.71
CA THR A 116 -24.41 12.29 -8.53
C THR A 116 -25.53 13.19 -7.97
N LEU A 117 -25.60 14.44 -8.43
CA LEU A 117 -26.67 15.35 -8.02
C LEU A 117 -28.00 14.87 -8.57
N TRP A 118 -27.97 14.24 -9.74
CA TRP A 118 -29.18 13.72 -10.34
C TRP A 118 -29.85 12.63 -9.50
N ASN A 119 -29.08 11.69 -8.96
CA ASN A 119 -29.72 10.61 -8.24
C ASN A 119 -30.15 11.03 -6.82
N GLU A 120 -29.54 12.10 -6.31
CA GLU A 120 -30.11 12.74 -5.14
C GLU A 120 -31.44 13.42 -5.45
N ILE A 121 -31.59 14.06 -6.60
CA ILE A 121 -32.89 14.69 -6.88
C ILE A 121 -33.96 13.77 -7.40
N GLU A 122 -33.59 12.56 -7.81
CA GLU A 122 -34.56 11.48 -8.02
C GLU A 122 -34.99 10.81 -6.72
N ARG A 123 -34.02 10.55 -5.82
CA ARG A 123 -34.31 10.04 -4.47
C ARG A 123 -35.41 10.84 -3.76
N LEU A 124 -35.36 12.16 -3.86
CA LEU A 124 -36.39 13.00 -3.25
C LEU A 124 -37.71 12.98 -4.04
N LYS A 125 -37.60 13.06 -5.37
CA LYS A 125 -38.76 13.16 -6.27
C LYS A 125 -39.55 11.87 -6.24
N ASP A 126 -38.90 10.77 -5.86
CA ASP A 126 -39.59 9.48 -5.67
C ASP A 126 -40.36 9.39 -4.36
N LYS A 127 -40.02 10.21 -3.36
CA LYS A 127 -40.82 10.32 -2.15
C LYS A 127 -41.84 11.48 -2.22
N GLY A 128 -41.80 12.25 -3.30
CA GLY A 128 -42.63 13.44 -3.45
C GLY A 128 -41.99 14.76 -3.04
N ASN A 129 -40.73 14.74 -2.62
CA ASN A 129 -40.05 15.95 -2.11
C ASN A 129 -39.09 16.53 -3.10
N PHE A 130 -38.50 17.65 -2.67
CA PHE A 130 -37.50 18.38 -3.42
C PHE A 130 -36.42 18.90 -2.47
N LEU A 131 -35.32 19.40 -3.04
CA LEU A 131 -34.31 20.12 -2.28
C LEU A 131 -34.88 21.44 -1.78
N THR A 132 -34.62 21.76 -0.51
CA THR A 132 -35.00 23.05 0.09
C THR A 132 -34.26 24.20 -0.60
N GLU A 133 -34.70 25.41 -0.36
CA GLU A 133 -34.08 26.57 -1.02
C GLU A 133 -32.65 26.84 -0.52
N ASP A 134 -32.39 26.56 0.75
CA ASP A 134 -31.04 26.69 1.31
C ASP A 134 -30.09 25.64 0.77
N GLN A 135 -30.60 24.44 0.52
CA GLN A 135 -29.80 23.41 -0.15
C GLN A 135 -29.52 23.80 -1.59
N ILE A 136 -30.53 24.34 -2.26
CA ILE A 136 -30.37 24.74 -3.65
C ILE A 136 -29.32 25.82 -3.77
N LEU A 137 -29.37 26.80 -2.87
CA LEU A 137 -28.45 27.93 -2.90
C LEU A 137 -27.00 27.54 -2.63
N TRP A 138 -26.77 26.63 -1.70
CA TRP A 138 -25.41 26.12 -1.45
C TRP A 138 -24.85 25.35 -2.69
N LEU A 139 -25.64 24.43 -3.24
CA LEU A 139 -25.23 23.67 -4.41
C LEU A 139 -24.88 24.57 -5.59
N LEU A 140 -25.75 25.54 -5.85
CA LEU A 140 -25.56 26.48 -6.95
C LEU A 140 -24.33 27.34 -6.80
N LEU A 141 -24.05 27.75 -5.57
CA LEU A 141 -22.86 28.48 -5.28
C LEU A 141 -21.63 27.64 -5.60
N GLY A 142 -21.61 26.38 -5.18
CA GLY A 142 -20.49 25.49 -5.50
C GLY A 142 -20.22 25.28 -6.99
N ILE A 143 -21.30 25.08 -7.75
CA ILE A 143 -21.23 24.88 -9.21
C ILE A 143 -20.72 26.14 -9.92
N CYS A 144 -21.20 27.32 -9.53
CA CYS A 144 -20.71 28.59 -10.08
C CYS A 144 -19.27 28.92 -9.84
N ARG A 145 -18.79 28.63 -8.62
CA ARG A 145 -17.38 28.80 -8.27
C ARG A 145 -16.50 27.84 -9.05
N GLY A 146 -17.00 26.62 -9.29
CA GLY A 146 -16.30 25.68 -10.16
C GLY A 146 -16.17 26.27 -11.58
N LEU A 147 -17.30 26.61 -12.18
CA LEU A 147 -17.30 27.25 -13.50
C LEU A 147 -16.42 28.54 -13.56
N GLU A 148 -16.47 29.36 -12.53
CA GLU A 148 -15.73 30.58 -12.49
C GLU A 148 -14.26 30.25 -12.68
N ALA A 149 -13.79 29.22 -11.99
CA ALA A 149 -12.38 28.81 -12.15
C ALA A 149 -12.03 28.32 -13.57
N ILE A 150 -12.97 27.63 -14.21
CA ILE A 150 -12.81 27.17 -15.60
C ILE A 150 -12.79 28.34 -16.60
N HIS A 151 -13.81 29.17 -16.52
CA HIS A 151 -13.90 30.38 -17.34
C HIS A 151 -12.71 31.30 -17.19
N ALA A 152 -12.22 31.47 -15.97
CA ALA A 152 -11.08 32.38 -15.75
C ALA A 152 -9.80 31.95 -16.49
N LYS A 153 -9.68 30.64 -16.77
CA LYS A 153 -8.52 30.10 -17.47
C LYS A 153 -8.75 30.08 -18.99
N GLY A 154 -9.93 30.47 -19.45
CA GLY A 154 -10.21 30.53 -20.89
C GLY A 154 -10.92 29.33 -21.50
N TYR A 155 -11.45 28.43 -20.67
CA TYR A 155 -12.22 27.29 -21.16
C TYR A 155 -13.67 27.40 -20.79
N ALA A 156 -14.49 26.60 -21.48
CA ALA A 156 -15.87 26.35 -21.12
C ALA A 156 -15.98 24.83 -20.96
N HIS A 157 -16.90 24.40 -20.09
CA HIS A 157 -17.11 22.97 -19.80
C HIS A 157 -17.82 22.26 -20.96
N ARG A 158 -18.95 22.83 -21.38
CA ARG A 158 -19.72 22.45 -22.59
C ARG A 158 -20.64 21.23 -22.44
N ASP A 159 -20.57 20.49 -21.34
CA ASP A 159 -21.55 19.43 -21.12
C ASP A 159 -21.99 19.36 -19.67
N LEU A 160 -22.26 20.51 -19.09
CA LEU A 160 -22.83 20.60 -17.76
C LEU A 160 -24.26 20.06 -17.71
N LYS A 161 -24.53 19.24 -16.71
CA LYS A 161 -25.86 18.61 -16.47
C LYS A 161 -25.77 17.83 -15.16
N PRO A 162 -26.91 17.53 -14.52
CA PRO A 162 -26.86 17.02 -13.15
C PRO A 162 -26.14 15.67 -13.02
N THR A 163 -26.06 14.90 -14.10
CA THR A 163 -25.34 13.63 -14.04
C THR A 163 -23.82 13.74 -14.17
N ASN A 164 -23.33 14.96 -14.40
CA ASN A 164 -21.90 15.33 -14.41
C ASN A 164 -21.49 16.11 -13.14
N ILE A 165 -22.27 15.96 -12.08
CA ILE A 165 -22.05 16.67 -10.83
C ILE A 165 -22.13 15.65 -9.69
N LEU A 166 -20.98 15.39 -9.08
CA LEU A 166 -20.87 14.51 -7.94
C LEU A 166 -21.07 15.30 -6.63
N LEU A 167 -21.51 14.59 -5.61
CA LEU A 167 -21.68 15.16 -4.28
C LEU A 167 -20.61 14.61 -3.36
N GLY A 168 -19.83 15.50 -2.76
CA GLY A 168 -18.74 15.10 -1.89
C GLY A 168 -19.20 14.66 -0.52
N ASP A 169 -18.25 14.38 0.36
CA ASP A 169 -18.56 13.86 1.68
C ASP A 169 -18.99 15.00 2.63
N GLU A 170 -18.66 16.25 2.31
CA GLU A 170 -19.22 17.41 3.03
C GLU A 170 -20.46 18.03 2.31
N GLY A 171 -21.06 17.27 1.39
CA GLY A 171 -22.16 17.75 0.53
C GLY A 171 -21.79 18.76 -0.55
N GLN A 172 -20.50 18.97 -0.80
CA GLN A 172 -20.06 19.91 -1.82
C GLN A 172 -20.26 19.33 -3.22
N PRO A 173 -20.71 20.16 -4.19
CA PRO A 173 -20.87 19.69 -5.57
C PRO A 173 -19.53 19.71 -6.31
N VAL A 174 -19.26 18.69 -7.11
CA VAL A 174 -17.99 18.60 -7.82
C VAL A 174 -18.19 18.26 -9.31
N LEU A 175 -17.67 19.10 -10.18
CA LEU A 175 -17.82 18.92 -11.62
C LEU A 175 -16.85 17.88 -12.15
N MET A 176 -17.35 17.06 -13.06
CA MET A 176 -16.57 15.99 -13.63
C MET A 176 -16.83 16.00 -15.13
N ASP A 177 -16.22 15.06 -15.85
CA ASP A 177 -16.40 14.91 -17.29
C ASP A 177 -15.95 16.11 -18.12
N LEU A 178 -14.64 16.22 -18.28
CA LEU A 178 -14.01 17.34 -18.95
C LEU A 178 -13.54 16.96 -20.34
N GLY A 179 -14.16 15.95 -20.94
CA GLY A 179 -13.82 15.54 -22.30
C GLY A 179 -14.46 16.30 -23.46
N SER A 180 -15.27 17.33 -23.15
CA SER A 180 -15.76 18.25 -24.19
C SER A 180 -15.40 19.72 -23.89
N MET A 181 -14.57 19.91 -22.87
CA MET A 181 -14.05 21.22 -22.52
C MET A 181 -13.19 21.74 -23.64
N ASN A 182 -13.36 23.01 -24.00
CA ASN A 182 -12.53 23.65 -25.04
C ASN A 182 -12.41 25.16 -24.82
N GLN A 183 -11.68 25.86 -25.69
CA GLN A 183 -11.54 27.31 -25.59
C GLN A 183 -12.94 27.92 -25.58
N ALA A 184 -13.11 28.94 -24.73
CA ALA A 184 -14.41 29.49 -24.32
C ALA A 184 -14.99 30.29 -25.43
N CYS A 185 -14.12 31.00 -26.14
CA CYS A 185 -14.53 31.85 -27.22
C CYS A 185 -14.23 31.28 -28.59
N ILE A 186 -15.27 31.24 -29.41
CA ILE A 186 -15.22 30.65 -30.75
C ILE A 186 -15.84 31.64 -31.75
N HIS A 187 -15.04 32.06 -32.73
CA HIS A 187 -15.52 32.94 -33.81
C HIS A 187 -15.96 32.13 -35.00
N VAL A 188 -17.22 32.29 -35.39
CA VAL A 188 -17.78 31.58 -36.51
C VAL A 188 -17.88 32.56 -37.65
N GLU A 189 -17.16 32.26 -38.73
CA GLU A 189 -17.21 33.05 -39.96
C GLU A 189 -17.45 32.11 -41.11
N GLY A 190 -18.67 32.21 -41.64
CA GLY A 190 -19.08 31.44 -42.78
C GLY A 190 -19.78 30.16 -42.39
N SER A 191 -20.50 29.63 -43.37
CA SER A 191 -21.29 28.42 -43.21
C SER A 191 -20.46 27.20 -42.88
N ARG A 192 -19.30 27.04 -43.51
CA ARG A 192 -18.49 25.86 -43.22
C ARG A 192 -18.09 25.76 -41.73
N GLN A 193 -17.69 26.88 -41.13
CA GLN A 193 -17.28 26.85 -39.71
C GLN A 193 -18.48 26.65 -38.80
N ALA A 194 -19.62 27.21 -39.18
CA ALA A 194 -20.87 27.11 -38.42
C ALA A 194 -21.33 25.69 -38.34
N LEU A 195 -21.27 25.03 -39.48
CA LEU A 195 -21.73 23.68 -39.62
C LEU A 195 -20.80 22.70 -38.93
N THR A 196 -19.49 22.94 -38.99
CA THR A 196 -18.59 22.03 -38.29
C THR A 196 -18.82 22.19 -36.79
N LEU A 197 -19.05 23.42 -36.34
CA LEU A 197 -19.37 23.64 -34.91
C LEU A 197 -20.72 23.00 -34.53
N GLN A 198 -21.71 23.15 -35.39
CA GLN A 198 -23.01 22.58 -35.12
C GLN A 198 -22.90 21.07 -34.97
N ASP A 199 -22.15 20.42 -35.86
CA ASP A 199 -21.94 18.97 -35.74
C ASP A 199 -21.16 18.58 -34.48
N TRP A 200 -20.13 19.36 -34.15
CA TRP A 200 -19.37 19.08 -32.94
C TRP A 200 -20.29 19.06 -31.69
N ALA A 201 -21.20 20.03 -31.59
CA ALA A 201 -22.12 20.11 -30.46
C ALA A 201 -23.13 18.98 -30.48
N ALA A 202 -23.60 18.63 -31.68
CA ALA A 202 -24.55 17.53 -31.82
C ALA A 202 -23.96 16.25 -31.23
N GLN A 203 -22.63 16.18 -31.20
CA GLN A 203 -21.85 15.07 -30.67
C GLN A 203 -21.56 15.18 -29.16
N ARG A 204 -21.22 16.37 -28.68
CA ARG A 204 -20.62 16.52 -27.35
C ARG A 204 -21.48 17.22 -26.30
N CYS A 205 -22.61 17.77 -26.70
CA CYS A 205 -23.43 18.54 -25.79
C CYS A 205 -24.80 17.93 -25.66
N THR A 206 -25.04 17.25 -24.55
CA THR A 206 -26.31 16.57 -24.36
C THR A 206 -27.42 17.46 -24.81
N ILE A 207 -28.26 16.94 -25.69
CA ILE A 207 -29.20 17.77 -26.43
C ILE A 207 -30.16 18.57 -25.53
N SER A 208 -30.66 17.94 -24.47
CA SER A 208 -31.64 18.57 -23.61
C SER A 208 -31.06 19.63 -22.66
N TYR A 209 -29.73 19.77 -22.63
CA TYR A 209 -28.99 20.77 -21.81
C TYR A 209 -28.17 21.79 -22.66
N ARG A 210 -28.28 21.62 -23.99
CA ARG A 210 -27.56 22.42 -24.99
C ARG A 210 -28.14 23.81 -25.22
N ALA A 211 -27.23 24.78 -25.33
CA ALA A 211 -27.58 26.20 -25.44
C ALA A 211 -28.19 26.46 -26.81
N PRO A 212 -29.19 27.34 -26.87
CA PRO A 212 -29.87 27.65 -28.13
C PRO A 212 -28.95 28.01 -29.32
N GLU A 213 -28.03 28.93 -29.10
CA GLU A 213 -27.04 29.34 -30.11
C GLU A 213 -26.19 28.22 -30.77
N LEU A 214 -26.22 27.01 -30.21
CA LEU A 214 -25.51 25.85 -30.79
C LEU A 214 -26.39 24.90 -31.63
N PHE A 215 -27.69 25.17 -31.70
CA PHE A 215 -28.56 24.63 -32.75
C PHE A 215 -28.63 25.75 -33.76
N SER A 216 -28.68 25.41 -35.04
CA SER A 216 -28.69 26.41 -36.11
C SER A 216 -27.60 27.47 -35.96
N VAL A 217 -26.38 27.00 -35.67
CA VAL A 217 -25.27 27.91 -35.54
C VAL A 217 -25.31 28.88 -36.73
N GLN A 218 -25.27 30.17 -36.43
CA GLN A 218 -25.30 31.22 -37.41
C GLN A 218 -23.96 31.41 -38.08
N SER A 219 -24.00 31.84 -39.34
CA SER A 219 -22.81 31.99 -40.16
C SER A 219 -21.78 32.99 -39.67
N HIS A 220 -22.23 34.11 -39.11
CA HIS A 220 -21.28 35.04 -38.51
C HIS A 220 -21.69 35.33 -37.09
N CYS A 221 -20.92 34.86 -36.12
CA CYS A 221 -21.25 35.08 -34.72
C CYS A 221 -20.08 34.69 -33.83
N VAL A 222 -20.25 34.94 -32.54
CA VAL A 222 -19.26 34.58 -31.53
C VAL A 222 -19.93 33.77 -30.44
N ILE A 223 -19.52 32.52 -30.31
CA ILE A 223 -20.03 31.65 -29.28
C ILE A 223 -19.05 31.77 -28.12
N ASP A 224 -19.50 32.20 -26.94
CA ASP A 224 -18.61 32.26 -25.77
C ASP A 224 -19.02 31.30 -24.64
N GLU A 225 -18.46 31.51 -23.45
CA GLU A 225 -18.69 30.63 -22.29
C GLU A 225 -20.09 30.73 -21.66
N ARG A 226 -20.84 31.76 -22.01
CA ARG A 226 -22.22 31.85 -21.61
C ARG A 226 -23.05 30.60 -22.02
N THR A 227 -22.55 29.82 -22.96
CA THR A 227 -23.08 28.49 -23.23
C THR A 227 -23.32 27.64 -21.96
N ASP A 228 -22.34 27.67 -21.05
CA ASP A 228 -22.43 27.03 -19.75
C ASP A 228 -23.48 27.65 -18.81
N VAL A 229 -23.74 28.94 -18.95
CA VAL A 229 -24.74 29.60 -18.11
C VAL A 229 -26.14 29.14 -18.47
N TRP A 230 -26.38 28.82 -19.72
CA TRP A 230 -27.65 28.24 -20.08
C TRP A 230 -27.77 26.86 -19.43
N SER A 231 -26.77 26.03 -19.61
CA SER A 231 -26.82 24.66 -19.05
C SER A 231 -27.03 24.67 -17.53
N LEU A 232 -26.31 25.55 -16.86
CA LEU A 232 -26.49 25.80 -15.43
C LEU A 232 -27.91 26.21 -15.05
N GLY A 233 -28.55 27.04 -15.87
CA GLY A 233 -29.99 27.33 -15.73
C GLY A 233 -30.86 26.08 -15.75
N CYS A 234 -30.55 25.14 -16.65
CA CYS A 234 -31.28 23.88 -16.70
C CYS A 234 -31.04 23.03 -15.48
N VAL A 235 -29.79 22.96 -15.04
CA VAL A 235 -29.48 22.26 -13.78
C VAL A 235 -30.29 22.86 -12.59
N LEU A 236 -30.33 24.20 -12.52
CA LEU A 236 -31.09 24.90 -11.47
C LEU A 236 -32.55 24.53 -11.54
N TYR A 237 -33.11 24.62 -12.74
CA TYR A 237 -34.49 24.18 -12.99
C TYR A 237 -34.70 22.74 -12.49
N ALA A 238 -33.79 21.85 -12.84
CA ALA A 238 -33.87 20.47 -12.40
C ALA A 238 -33.92 20.36 -10.88
N MET A 239 -33.08 21.13 -10.19
CA MET A 239 -33.09 21.15 -8.74
C MET A 239 -34.39 21.70 -8.18
N MET A 240 -34.99 22.63 -8.89
CA MET A 240 -36.22 23.25 -8.39
C MET A 240 -37.48 22.52 -8.73
N PHE A 241 -37.49 21.71 -9.77
CA PHE A 241 -38.76 21.05 -10.18
C PHE A 241 -38.69 19.54 -10.29
N GLY A 242 -37.52 18.96 -10.02
CA GLY A 242 -37.37 17.49 -10.06
C GLY A 242 -37.13 16.88 -11.43
N GLU A 243 -37.11 17.71 -12.48
CA GLU A 243 -36.71 17.27 -13.80
C GLU A 243 -36.14 18.43 -14.61
N GLY A 244 -35.39 18.11 -15.66
CA GLY A 244 -34.81 19.12 -16.55
C GLY A 244 -35.92 19.77 -17.36
N PRO A 245 -35.72 21.02 -17.81
CA PRO A 245 -36.85 21.73 -18.43
C PRO A 245 -37.24 21.23 -19.82
N TYR A 246 -36.40 20.36 -20.44
CA TYR A 246 -36.72 19.76 -21.76
C TYR A 246 -36.74 18.24 -21.78
N ASP A 247 -36.85 17.61 -20.61
CA ASP A 247 -36.85 16.15 -20.52
C ASP A 247 -38.18 15.50 -20.94
N MET A 248 -39.32 16.13 -20.67
CA MET A 248 -40.59 15.54 -21.14
C MET A 248 -40.62 15.58 -22.68
N VAL A 249 -40.12 16.68 -23.25
CA VAL A 249 -40.03 16.85 -24.72
C VAL A 249 -39.14 15.77 -25.33
N PHE A 250 -37.92 15.64 -24.80
CA PHE A 250 -36.99 14.59 -25.21
C PHE A 250 -37.62 13.22 -25.12
N GLN A 251 -38.10 12.86 -23.92
CA GLN A 251 -38.65 11.53 -23.63
C GLN A 251 -39.95 11.22 -24.36
N LYS A 252 -40.71 12.26 -24.71
CA LYS A 252 -41.93 12.10 -25.53
C LYS A 252 -41.64 12.37 -27.01
N GLY A 253 -40.39 12.17 -27.43
CA GLY A 253 -40.00 12.17 -28.85
C GLY A 253 -40.10 13.41 -29.73
N ASP A 254 -40.66 14.52 -29.23
CA ASP A 254 -40.81 15.75 -30.05
C ASP A 254 -39.47 16.50 -30.13
N SER A 255 -39.45 17.68 -30.75
CA SER A 255 -38.19 18.38 -31.08
C SER A 255 -37.67 19.30 -30.00
N VAL A 256 -36.57 18.90 -29.36
CA VAL A 256 -35.90 19.70 -28.32
C VAL A 256 -35.42 21.03 -28.87
N ALA A 257 -34.84 20.95 -30.07
CA ALA A 257 -34.29 22.12 -30.76
C ALA A 257 -35.30 23.25 -30.91
N LEU A 258 -36.56 22.93 -31.20
CA LEU A 258 -37.62 23.96 -31.28
C LEU A 258 -38.05 24.44 -29.91
N ALA A 259 -38.23 23.54 -28.96
CA ALA A 259 -38.63 23.90 -27.60
C ALA A 259 -37.62 24.88 -27.00
N VAL A 260 -36.33 24.52 -27.09
CA VAL A 260 -35.23 25.36 -26.57
C VAL A 260 -35.22 26.78 -27.16
N GLN A 261 -35.55 26.93 -28.44
CA GLN A 261 -35.61 28.25 -29.08
C GLN A 261 -36.85 29.09 -28.71
N ASN A 262 -37.93 28.47 -28.22
CA ASN A 262 -39.05 29.21 -27.58
C ASN A 262 -38.79 29.32 -26.07
N GLN A 263 -39.61 30.07 -25.34
CA GLN A 263 -39.43 30.19 -23.88
C GLN A 263 -40.72 30.46 -23.12
N ILE A 266 -41.16 29.94 -16.53
CA ILE A 266 -40.95 29.18 -15.29
C ILE A 266 -42.09 29.48 -14.29
N PRO A 267 -42.61 28.42 -13.61
CA PRO A 267 -43.63 28.63 -12.54
C PRO A 267 -43.11 29.28 -11.22
N GLN A 268 -43.99 30.01 -10.52
CA GLN A 268 -43.69 30.52 -9.16
C GLN A 268 -44.29 29.61 -8.09
N SER A 269 -43.78 28.38 -8.02
CA SER A 269 -44.11 27.47 -6.94
C SER A 269 -43.64 28.08 -5.61
N PRO A 270 -44.58 28.48 -4.73
CA PRO A 270 -44.16 29.22 -3.56
C PRO A 270 -43.24 28.49 -2.56
N ARG A 271 -42.45 27.51 -3.02
CA ARG A 271 -41.34 26.97 -2.23
C ARG A 271 -40.08 27.75 -2.56
N HIS A 272 -40.19 28.70 -3.49
CA HIS A 272 -39.02 29.44 -3.99
C HIS A 272 -39.19 30.94 -3.89
N SER A 273 -38.21 31.60 -3.27
CA SER A 273 -38.13 33.05 -3.28
C SER A 273 -38.16 33.52 -4.71
N SER A 274 -38.65 34.74 -4.91
CA SER A 274 -38.61 35.32 -6.24
C SER A 274 -37.16 35.65 -6.63
N ALA A 275 -36.30 35.88 -5.64
CA ALA A 275 -34.87 36.06 -5.92
C ALA A 275 -34.31 34.85 -6.66
N LEU A 276 -34.64 33.65 -6.20
CA LEU A 276 -34.19 32.42 -6.87
C LEU A 276 -34.84 32.28 -8.26
N TRP A 277 -36.08 32.70 -8.36
CA TRP A 277 -36.80 32.65 -9.61
C TRP A 277 -36.24 33.65 -10.65
N GLN A 278 -35.76 34.79 -10.17
CA GLN A 278 -35.09 35.74 -11.04
C GLN A 278 -33.75 35.21 -11.54
N LEU A 279 -33.01 34.50 -10.69
CA LEU A 279 -31.74 33.87 -11.09
C LEU A 279 -31.96 32.89 -12.20
N LEU A 280 -32.93 32.00 -12.02
CA LEU A 280 -33.27 31.04 -13.05
C LEU A 280 -33.67 31.71 -14.37
N ASN A 281 -34.49 32.73 -14.32
CA ASN A 281 -34.90 33.43 -15.55
C ASN A 281 -33.77 34.04 -16.36
N SER A 282 -32.89 34.75 -15.67
CA SER A 282 -31.72 35.37 -16.27
C SER A 282 -30.75 34.36 -16.94
N MET A 283 -30.57 33.19 -16.34
CA MET A 283 -29.70 32.13 -16.90
C MET A 283 -30.31 31.55 -18.15
N MET A 284 -31.62 31.34 -18.10
CA MET A 284 -32.29 30.82 -19.25
C MET A 284 -32.83 31.89 -20.18
N THR A 285 -32.02 32.90 -20.51
CA THR A 285 -32.36 33.80 -21.61
C THR A 285 -31.75 33.22 -22.88
N VAL A 286 -32.53 33.28 -23.94
CA VAL A 286 -32.22 32.62 -25.21
C VAL A 286 -31.14 33.38 -26.00
N ASP A 287 -31.27 34.71 -26.05
CA ASP A 287 -30.25 35.54 -26.65
C ASP A 287 -29.04 35.57 -25.69
N PRO A 288 -27.92 34.96 -26.08
CA PRO A 288 -26.78 34.93 -25.20
C PRO A 288 -26.19 36.31 -24.86
N HIS A 289 -26.45 37.30 -25.71
CA HIS A 289 -25.99 38.64 -25.42
C HIS A 289 -26.66 39.24 -24.19
N GLN A 290 -27.85 38.78 -23.87
CA GLN A 290 -28.58 39.24 -22.70
C GLN A 290 -28.45 38.32 -21.48
N ARG A 291 -27.62 37.29 -21.62
CA ARG A 291 -27.47 36.31 -20.57
C ARG A 291 -26.28 36.75 -19.73
N PRO A 292 -26.35 36.62 -18.38
CA PRO A 292 -25.19 37.05 -17.55
C PRO A 292 -23.96 36.16 -17.59
N HIS A 293 -22.80 36.73 -17.26
CA HIS A 293 -21.62 35.93 -16.99
C HIS A 293 -21.60 35.48 -15.52
N ILE A 294 -20.78 34.47 -15.24
CA ILE A 294 -20.67 33.85 -13.91
C ILE A 294 -20.32 34.86 -12.79
N PRO A 295 -19.31 35.70 -13.01
CA PRO A 295 -19.00 36.65 -11.93
C PRO A 295 -20.20 37.50 -11.47
N LEU A 296 -21.08 37.90 -12.39
CA LEU A 296 -22.26 38.65 -12.00
C LEU A 296 -23.21 37.74 -11.22
N LEU A 297 -23.43 36.53 -11.71
CA LEU A 297 -24.29 35.60 -11.00
C LEU A 297 -23.82 35.35 -9.58
N LEU A 298 -22.51 35.16 -9.41
CA LEU A 298 -21.97 34.97 -8.08
C LEU A 298 -22.21 36.16 -7.16
N SER A 299 -22.07 37.38 -7.69
CA SER A 299 -22.39 38.57 -6.94
C SER A 299 -23.83 38.57 -6.46
N GLN A 300 -24.74 38.16 -7.34
CA GLN A 300 -26.15 38.09 -6.99
C GLN A 300 -26.42 36.98 -6.00
N LEU A 301 -25.83 35.84 -6.23
CA LEU A 301 -25.95 34.71 -5.32
C LEU A 301 -25.40 35.00 -3.91
N GLU A 302 -24.16 35.45 -3.79
CA GLU A 302 -23.57 35.72 -2.47
C GLU A 302 -24.25 36.82 -1.62
N ALA A 303 -25.03 37.70 -2.24
CA ALA A 303 -25.82 38.66 -1.46
C ALA A 303 -27.00 37.98 -0.75
N LEU A 304 -27.43 36.81 -1.23
CA LEU A 304 -28.47 36.01 -0.54
C LEU A 304 -27.86 35.27 0.66
N GLN A 305 -26.54 35.41 0.84
CA GLN A 305 -25.78 34.84 1.97
C GLN A 305 -26.16 33.39 2.24
N PRO A 306 -25.85 32.51 1.27
CA PRO A 306 -26.22 31.10 1.34
C PRO A 306 -25.57 30.36 2.50
N PRO A 307 -26.37 29.60 3.27
CA PRO A 307 -25.83 28.84 4.39
C PRO A 307 -25.19 27.51 3.97
N ALA A 308 -24.07 27.17 4.60
CA ALA A 308 -23.48 25.87 4.48
C ALA A 308 -24.43 24.87 5.13
N PRO A 309 -24.26 23.56 4.80
CA PRO A 309 -25.11 22.55 5.46
C PRO A 309 -24.65 22.24 6.88
N GLY A 310 -25.60 21.98 7.79
CA GLY A 310 -25.29 21.70 9.21
C GLY A 310 -26.41 22.11 10.15
N GLU B 15 -10.18 -5.83 -17.06
CA GLU B 15 -10.43 -7.24 -16.69
C GLU B 15 -9.11 -7.98 -16.72
N ASN B 16 -8.59 -8.32 -17.89
CA ASN B 16 -7.33 -9.11 -17.95
C ASN B 16 -6.07 -8.23 -17.88
N LEU B 17 -6.27 -6.91 -17.69
CA LEU B 17 -5.15 -6.02 -17.32
C LEU B 17 -4.94 -6.02 -15.80
N TYR B 18 -5.97 -6.44 -15.05
CA TYR B 18 -5.80 -6.81 -13.66
C TYR B 18 -4.99 -8.09 -13.59
N PHE B 19 -4.44 -8.39 -12.42
CA PHE B 19 -3.90 -9.72 -12.20
C PHE B 19 -4.31 -10.35 -10.88
N GLN B 20 -4.43 -11.69 -10.92
CA GLN B 20 -4.96 -12.46 -9.80
C GLN B 20 -3.86 -12.53 -8.74
N GLY B 21 -4.27 -12.56 -7.47
CA GLY B 21 -3.34 -12.71 -6.38
C GLY B 21 -4.03 -13.20 -5.14
N HIS B 22 -3.23 -13.80 -4.27
CA HIS B 22 -3.68 -14.27 -2.99
C HIS B 22 -3.16 -13.37 -1.89
N MET B 23 -4.06 -12.94 -1.01
CA MET B 23 -3.76 -11.92 -0.04
C MET B 23 -4.05 -12.32 1.38
N VAL B 24 -3.63 -11.45 2.28
CA VAL B 24 -3.87 -11.67 3.69
C VAL B 24 -3.86 -10.32 4.35
N ILE B 25 -4.72 -10.16 5.36
CA ILE B 25 -4.71 -8.94 6.19
C ILE B 25 -4.13 -9.27 7.56
N ILE B 26 -3.17 -8.46 8.04
CA ILE B 26 -2.58 -8.63 9.36
C ILE B 26 -2.48 -7.25 10.00
N ASP B 27 -3.09 -7.08 11.18
CA ASP B 27 -3.21 -5.74 11.80
C ASP B 27 -3.57 -4.68 10.75
N ASN B 28 -4.66 -4.93 10.04
CA ASN B 28 -5.22 -3.95 9.12
C ASN B 28 -4.42 -3.68 7.86
N LYS B 29 -3.33 -4.38 7.65
CA LYS B 29 -2.52 -4.16 6.44
C LYS B 29 -2.57 -5.39 5.56
N HIS B 30 -2.57 -5.18 4.25
CA HIS B 30 -2.69 -6.29 3.29
C HIS B 30 -1.34 -6.76 2.83
N TYR B 31 -1.20 -8.06 2.62
CA TYR B 31 0.07 -8.67 2.20
C TYR B 31 -0.25 -9.64 1.08
N LEU B 32 0.61 -9.64 0.05
CA LEU B 32 0.48 -10.53 -1.10
C LEU B 32 1.42 -11.73 -1.02
N PHE B 33 0.89 -12.91 -1.23
CA PHE B 33 1.72 -14.09 -1.29
C PHE B 33 2.60 -14.11 -2.56
N ILE B 34 3.91 -14.28 -2.42
CA ILE B 34 4.78 -14.45 -3.58
C ILE B 34 5.15 -15.92 -3.80
N GLN B 35 5.78 -16.56 -2.82
CA GLN B 35 6.17 -17.96 -2.97
C GLN B 35 6.56 -18.60 -1.64
N LYS B 36 6.51 -19.93 -1.53
CA LYS B 36 7.01 -20.62 -0.30
C LYS B 36 8.52 -20.40 -0.15
N LEU B 37 8.98 -20.03 1.04
CA LEU B 37 10.41 -19.91 1.35
C LEU B 37 11.03 -21.19 1.90
N GLY B 38 10.37 -21.83 2.84
CA GLY B 38 10.94 -22.99 3.50
C GLY B 38 9.98 -23.60 4.49
N GLU B 39 10.48 -24.55 5.28
CA GLU B 39 9.70 -25.16 6.32
C GLU B 39 10.59 -25.29 7.51
N GLY B 40 10.00 -25.11 8.69
CA GLY B 40 10.67 -25.29 9.97
C GLY B 40 10.14 -26.62 10.47
N GLY B 41 9.96 -26.77 11.78
CA GLY B 41 9.63 -28.06 12.36
C GLY B 41 8.17 -28.39 12.16
N PHE B 42 7.29 -27.59 12.76
CA PHE B 42 5.85 -27.70 12.54
C PHE B 42 5.36 -26.37 11.92
N SER B 43 6.20 -25.79 11.05
CA SER B 43 5.86 -24.50 10.44
C SER B 43 6.17 -24.38 8.93
N TYR B 44 5.39 -23.54 8.24
CA TYR B 44 5.66 -23.11 6.86
C TYR B 44 6.11 -21.69 6.90
N VAL B 45 7.03 -21.33 6.02
CA VAL B 45 7.49 -19.94 5.93
C VAL B 45 7.26 -19.44 4.51
N ASP B 46 6.42 -18.41 4.38
CA ASP B 46 6.05 -17.86 3.09
C ASP B 46 6.68 -16.50 2.89
N LEU B 47 6.92 -16.12 1.63
CA LEU B 47 7.37 -14.78 1.26
C LEU B 47 6.13 -14.00 0.91
N VAL B 48 5.98 -12.83 1.52
CA VAL B 48 4.87 -11.94 1.23
C VAL B 48 5.40 -10.53 1.02
N GLU B 49 4.70 -9.76 0.19
CA GLU B 49 5.02 -8.38 -0.06
C GLU B 49 3.99 -7.55 0.65
N GLY B 50 4.43 -6.51 1.35
CA GLY B 50 3.52 -5.56 1.95
C GLY B 50 3.00 -4.65 0.86
N LEU B 51 1.70 -4.67 0.65
CA LEU B 51 1.06 -3.85 -0.40
C LEU B 51 0.92 -2.37 -0.06
N HIS B 52 1.34 -2.01 1.15
CA HIS B 52 1.30 -0.64 1.65
C HIS B 52 2.64 0.06 1.54
N ASP B 53 3.73 -0.70 1.59
CA ASP B 53 5.12 -0.17 1.62
C ASP B 53 6.07 -0.78 0.57
N GLY B 54 5.61 -1.78 -0.17
CA GLY B 54 6.45 -2.47 -1.16
C GLY B 54 7.54 -3.37 -0.61
N HIS B 55 7.62 -3.51 0.72
CA HIS B 55 8.65 -4.34 1.36
C HIS B 55 8.26 -5.82 1.45
N PHE B 56 9.28 -6.67 1.62
CA PHE B 56 9.09 -8.10 1.71
C PHE B 56 9.19 -8.56 3.17
N TYR B 57 8.52 -9.68 3.44
CA TYR B 57 8.48 -10.25 4.77
C TYR B 57 8.48 -11.76 4.64
N ALA B 58 8.99 -12.43 5.69
CA ALA B 58 8.80 -13.85 5.90
C ALA B 58 7.65 -14.01 6.87
N LEU B 59 6.63 -14.73 6.46
CA LEU B 59 5.48 -15.02 7.28
C LEU B 59 5.59 -16.47 7.69
N LYS B 60 5.73 -16.70 8.99
CA LYS B 60 5.87 -18.03 9.54
C LYS B 60 4.52 -18.51 10.02
N ARG B 61 4.11 -19.69 9.54
CA ARG B 61 2.79 -20.19 9.84
C ARG B 61 2.93 -21.48 10.58
N ILE B 62 2.47 -21.48 11.82
CA ILE B 62 2.60 -22.64 12.68
C ILE B 62 1.27 -23.29 12.79
N LEU B 63 1.24 -24.61 12.64
CA LEU B 63 -0.03 -25.35 12.73
C LEU B 63 -0.28 -25.78 14.18
N CYS B 64 -1.52 -25.58 14.64
CA CYS B 64 -1.93 -25.84 16.03
C CYS B 64 -3.11 -26.76 16.13
N HIS B 65 -2.89 -28.04 15.84
CA HIS B 65 -3.93 -29.04 16.01
C HIS B 65 -4.19 -29.34 17.50
N GLU B 66 -3.50 -28.66 18.43
CA GLU B 66 -3.75 -28.85 19.88
C GLU B 66 -3.48 -27.60 20.75
N GLN B 67 -3.77 -27.73 22.05
CA GLN B 67 -3.64 -26.62 23.00
C GLN B 67 -2.19 -26.27 23.33
N GLN B 68 -1.38 -27.28 23.69
CA GLN B 68 0.04 -27.05 24.02
C GLN B 68 0.85 -26.47 22.82
N ASP B 69 0.26 -26.53 21.62
CA ASP B 69 0.85 -25.93 20.44
C ASP B 69 0.54 -24.43 20.43
N ARG B 70 -0.74 -24.10 20.68
CA ARG B 70 -1.19 -22.72 20.81
C ARG B 70 -0.30 -22.00 21.82
N GLU B 71 -0.02 -22.66 22.94
CA GLU B 71 0.64 -22.04 24.09
C GLU B 71 2.14 -21.81 23.89
N GLU B 72 2.84 -22.68 23.18
CA GLU B 72 4.27 -22.42 23.01
C GLU B 72 4.55 -21.54 21.78
N ALA B 73 3.52 -21.30 20.98
CA ALA B 73 3.59 -20.30 19.92
C ALA B 73 3.44 -18.88 20.51
N GLN B 74 2.67 -18.76 21.59
CA GLN B 74 2.65 -17.51 22.36
C GLN B 74 4.02 -17.25 22.94
N ARG B 75 4.65 -18.30 23.47
CA ARG B 75 5.96 -18.18 24.12
C ARG B 75 6.99 -17.66 23.12
N GLU B 76 6.94 -18.20 21.91
CA GLU B 76 7.88 -17.82 20.85
C GLU B 76 7.70 -16.34 20.53
N ALA B 77 6.45 -15.97 20.27
CA ALA B 77 6.06 -14.60 20.01
C ALA B 77 6.53 -13.66 21.11
N ASP B 78 6.21 -13.95 22.35
CA ASP B 78 6.61 -13.01 23.40
C ASP B 78 8.10 -13.07 23.78
N MET B 79 8.78 -14.13 23.37
CA MET B 79 10.25 -14.12 23.44
C MET B 79 10.83 -13.08 22.45
N HIS B 80 10.28 -13.01 21.24
CA HIS B 80 10.70 -11.95 20.33
C HIS B 80 10.44 -10.58 20.96
N ARG B 81 9.29 -10.45 21.59
CA ARG B 81 8.89 -9.17 22.12
C ARG B 81 9.56 -8.72 23.41
N LEU B 82 10.42 -9.50 24.07
CA LEU B 82 11.16 -8.87 25.18
C LEU B 82 12.42 -8.14 24.76
N PHE B 83 12.72 -8.14 23.46
CA PHE B 83 13.91 -7.49 22.96
C PHE B 83 13.53 -6.45 21.92
N ASN B 84 14.20 -5.29 21.96
CA ASN B 84 14.16 -4.35 20.84
C ASN B 84 15.63 -3.98 20.51
N HIS B 85 16.29 -4.83 19.72
CA HIS B 85 17.73 -4.84 19.62
C HIS B 85 18.15 -5.15 18.20
N PRO B 86 19.10 -4.35 17.66
CA PRO B 86 19.56 -4.49 16.27
C PRO B 86 20.09 -5.87 15.93
N ASN B 87 20.61 -6.58 16.91
CA ASN B 87 21.19 -7.89 16.70
C ASN B 87 20.26 -9.03 17.07
N ILE B 88 18.99 -8.70 17.29
CA ILE B 88 18.01 -9.73 17.62
C ILE B 88 16.79 -9.55 16.74
N LEU B 89 16.34 -10.66 16.15
CA LEU B 89 15.25 -10.66 15.16
C LEU B 89 13.95 -10.15 15.75
N ARG B 90 13.40 -9.11 15.13
CA ARG B 90 12.12 -8.54 15.57
C ARG B 90 10.88 -9.20 14.99
N LEU B 91 9.79 -9.03 15.71
CA LEU B 91 8.50 -9.54 15.34
C LEU B 91 7.70 -8.35 14.87
N VAL B 92 7.34 -8.35 13.60
CA VAL B 92 6.54 -7.28 13.05
C VAL B 92 5.09 -7.42 13.48
N ALA B 93 4.57 -8.64 13.57
CA ALA B 93 3.18 -8.86 13.97
C ALA B 93 2.93 -10.32 14.36
N TYR B 94 1.93 -10.53 15.20
CA TYR B 94 1.51 -11.85 15.62
C TYR B 94 -0.01 -11.97 15.63
N CYS B 95 -0.57 -13.03 15.05
CA CYS B 95 -2.00 -13.30 15.13
C CYS B 95 -2.34 -14.77 15.07
N LEU B 96 -3.62 -15.07 15.31
CA LEU B 96 -4.15 -16.44 15.29
C LEU B 96 -5.21 -16.48 14.21
N ARG B 97 -5.35 -17.63 13.55
CA ARG B 97 -6.33 -17.80 12.45
C ARG B 97 -7.04 -19.17 12.54
N GLU B 98 -8.32 -19.23 12.19
CA GLU B 98 -9.15 -20.40 12.45
C GLU B 98 -9.98 -20.84 11.25
N HIS B 103 -6.87 -23.72 12.22
CA HIS B 103 -6.07 -23.60 13.46
C HIS B 103 -4.56 -23.27 13.27
N GLU B 104 -4.21 -21.99 13.08
CA GLU B 104 -2.82 -21.56 12.82
C GLU B 104 -2.34 -20.32 13.60
N ALA B 105 -1.06 -20.27 13.96
CA ALA B 105 -0.48 -19.07 14.55
C ALA B 105 0.54 -18.50 13.60
N TRP B 106 0.49 -17.19 13.42
CA TRP B 106 1.27 -16.49 12.40
C TRP B 106 2.20 -15.50 13.04
N LEU B 107 3.46 -15.52 12.62
CA LEU B 107 4.42 -14.52 13.04
C LEU B 107 4.97 -13.87 11.80
N LEU B 108 4.82 -12.56 11.70
CA LEU B 108 5.36 -11.82 10.56
C LEU B 108 6.75 -11.31 10.93
N LEU B 109 7.73 -11.71 10.14
CA LEU B 109 9.14 -11.39 10.36
C LEU B 109 9.72 -10.61 9.17
N PRO B 110 10.75 -9.78 9.44
CA PRO B 110 11.46 -9.16 8.33
C PRO B 110 12.15 -10.17 7.42
N PHE B 111 12.45 -9.71 6.21
CA PHE B 111 13.08 -10.47 5.18
C PHE B 111 14.52 -9.97 4.95
N PHE B 112 15.43 -10.90 4.69
CA PHE B 112 16.83 -10.62 4.54
C PHE B 112 17.37 -11.06 3.16
N LYS B 113 17.46 -10.10 2.23
CA LYS B 113 18.13 -10.29 0.95
C LYS B 113 19.47 -10.99 1.05
N ARG B 114 20.24 -10.68 2.08
CA ARG B 114 21.63 -11.17 2.18
C ARG B 114 21.72 -12.56 2.78
N GLY B 115 20.61 -13.06 3.32
CA GLY B 115 20.55 -14.43 3.81
C GLY B 115 21.20 -14.58 5.17
N THR B 116 21.78 -15.75 5.42
CA THR B 116 22.47 -16.09 6.67
C THR B 116 23.95 -15.91 6.57
N LEU B 117 24.61 -15.85 7.70
CA LEU B 117 26.06 -15.89 7.74
C LEU B 117 26.63 -17.12 7.06
N TRP B 118 25.91 -18.22 7.09
CA TRP B 118 26.43 -19.45 6.47
C TRP B 118 26.44 -19.34 4.97
N ASN B 119 25.38 -18.85 4.37
CA ASN B 119 25.49 -18.70 2.92
C ASN B 119 26.44 -17.58 2.47
N GLU B 120 26.85 -16.69 3.37
CA GLU B 120 27.90 -15.72 3.06
C GLU B 120 29.31 -16.34 3.09
N ILE B 121 29.54 -17.19 4.08
CA ILE B 121 30.78 -17.97 4.11
C ILE B 121 30.86 -18.92 2.92
N GLU B 122 29.76 -19.54 2.55
CA GLU B 122 29.80 -20.44 1.39
C GLU B 122 29.95 -19.76 0.03
N ARG B 123 29.33 -18.61 -0.14
CA ARG B 123 29.44 -17.83 -1.38
C ARG B 123 30.86 -17.34 -1.63
N LEU B 124 31.52 -16.91 -0.57
CA LEU B 124 32.92 -16.54 -0.64
C LEU B 124 33.84 -17.72 -0.90
N LYS B 125 33.56 -18.88 -0.29
CA LYS B 125 34.43 -20.03 -0.47
C LYS B 125 34.33 -20.56 -1.92
N ASP B 126 33.18 -20.41 -2.57
CA ASP B 126 33.03 -20.83 -3.98
C ASP B 126 33.74 -19.94 -4.96
N LYS B 127 34.13 -18.76 -4.52
CA LYS B 127 34.88 -17.86 -5.34
C LYS B 127 36.34 -17.87 -4.86
N GLY B 128 36.71 -18.86 -4.03
CA GLY B 128 38.05 -18.91 -3.40
C GLY B 128 38.34 -17.66 -2.57
N ASN B 129 37.63 -17.49 -1.48
CA ASN B 129 37.59 -16.19 -0.87
C ASN B 129 36.99 -16.36 0.50
N PHE B 130 37.16 -15.34 1.33
CA PHE B 130 37.04 -15.44 2.77
C PHE B 130 36.72 -14.06 3.37
N LEU B 131 36.06 -14.06 4.52
CA LEU B 131 35.78 -12.82 5.23
C LEU B 131 37.11 -12.21 5.68
N THR B 132 37.18 -10.89 5.68
CA THR B 132 38.35 -10.18 6.17
C THR B 132 38.33 -10.12 7.70
N GLU B 133 39.49 -9.91 8.30
CA GLU B 133 39.56 -9.72 9.74
C GLU B 133 38.66 -8.57 10.20
N ASP B 134 38.62 -7.47 9.48
CA ASP B 134 37.69 -6.41 9.86
C ASP B 134 36.24 -6.84 9.78
N GLN B 135 35.87 -7.63 8.78
CA GLN B 135 34.51 -8.13 8.72
C GLN B 135 34.24 -9.04 9.91
N ILE B 136 35.14 -9.97 10.18
CA ILE B 136 34.98 -10.88 11.31
C ILE B 136 34.81 -10.14 12.66
N LEU B 137 35.67 -9.15 12.91
CA LEU B 137 35.62 -8.38 14.15
C LEU B 137 34.27 -7.71 14.34
N TRP B 138 33.70 -7.09 13.31
CA TRP B 138 32.39 -6.47 13.49
C TRP B 138 31.29 -7.51 13.71
N LEU B 139 31.41 -8.68 13.08
CA LEU B 139 30.42 -9.72 13.28
C LEU B 139 30.44 -10.26 14.71
N LEU B 140 31.63 -10.54 15.23
CA LEU B 140 31.76 -11.00 16.59
C LEU B 140 31.18 -10.00 17.59
N LEU B 141 31.42 -8.71 17.35
CA LEU B 141 30.85 -7.63 18.19
C LEU B 141 29.32 -7.67 18.24
N GLY B 142 28.67 -7.84 17.10
CA GLY B 142 27.22 -7.72 17.07
C GLY B 142 26.59 -8.95 17.70
N ILE B 143 27.24 -10.09 17.51
CA ILE B 143 26.76 -11.36 18.01
C ILE B 143 26.84 -11.36 19.52
N CYS B 144 27.94 -10.85 20.06
CA CYS B 144 28.03 -10.63 21.52
C CYS B 144 27.07 -9.62 22.12
N ARG B 145 26.71 -8.58 21.39
CA ARG B 145 25.74 -7.65 21.89
C ARG B 145 24.38 -8.33 21.98
N GLY B 146 24.06 -9.15 20.98
CA GLY B 146 22.84 -9.95 21.04
C GLY B 146 22.86 -10.89 22.24
N LEU B 147 23.96 -11.63 22.41
CA LEU B 147 24.03 -12.59 23.51
C LEU B 147 23.94 -11.89 24.88
N GLU B 148 24.66 -10.79 25.08
CA GLU B 148 24.57 -10.09 26.34
C GLU B 148 23.11 -9.66 26.56
N ALA B 149 22.41 -9.23 25.50
CA ALA B 149 21.02 -8.77 25.66
C ALA B 149 20.13 -9.88 26.20
N ILE B 150 20.26 -11.05 25.57
CA ILE B 150 19.58 -12.27 25.96
C ILE B 150 19.95 -12.70 27.38
N HIS B 151 21.25 -12.74 27.67
CA HIS B 151 21.71 -13.20 28.96
C HIS B 151 21.21 -12.30 30.07
N ALA B 152 21.05 -11.03 29.76
CA ALA B 152 20.55 -10.07 30.74
C ALA B 152 19.09 -10.28 31.11
N LYS B 153 18.30 -10.89 30.23
CA LYS B 153 16.93 -11.23 30.57
C LYS B 153 16.85 -12.62 31.21
N GLY B 154 18.00 -13.28 31.37
CA GLY B 154 18.09 -14.54 32.10
C GLY B 154 18.08 -15.78 31.25
N TYR B 155 18.30 -15.64 29.95
CA TYR B 155 18.27 -16.78 29.01
C TYR B 155 19.61 -17.06 28.39
N ALA B 156 19.72 -18.25 27.81
CA ALA B 156 20.84 -18.59 26.96
C ALA B 156 20.22 -19.05 25.65
N HIS B 157 20.80 -18.65 24.53
CA HIS B 157 20.31 -19.01 23.20
C HIS B 157 20.35 -20.54 23.03
N ARG B 158 21.54 -21.14 23.12
CA ARG B 158 21.75 -22.60 23.06
C ARG B 158 21.64 -23.28 21.69
N ASP B 159 21.29 -22.54 20.65
CA ASP B 159 21.48 -23.10 19.30
C ASP B 159 22.12 -22.10 18.38
N LEU B 160 23.19 -21.49 18.88
CA LEU B 160 23.97 -20.54 18.11
C LEU B 160 24.85 -21.27 17.12
N LYS B 161 24.60 -21.02 15.83
CA LYS B 161 25.37 -21.54 14.72
C LYS B 161 25.17 -20.62 13.50
N PRO B 162 26.00 -20.76 12.45
CA PRO B 162 25.96 -19.79 11.36
C PRO B 162 24.65 -19.73 10.65
N THR B 163 23.95 -20.86 10.60
CA THR B 163 22.63 -20.88 9.97
C THR B 163 21.52 -20.20 10.79
N ASN B 164 21.77 -19.94 12.08
CA ASN B 164 20.81 -19.20 12.95
C ASN B 164 21.16 -17.71 13.10
N ILE B 165 22.11 -17.21 12.32
CA ILE B 165 22.46 -15.79 12.31
C ILE B 165 22.14 -15.19 10.94
N LEU B 166 21.15 -14.31 10.85
CA LEU B 166 20.81 -13.66 9.59
C LEU B 166 21.71 -12.42 9.42
N LEU B 167 21.91 -11.96 8.20
CA LEU B 167 22.75 -10.80 7.92
C LEU B 167 21.88 -9.67 7.43
N GLY B 168 21.88 -8.58 8.18
CA GLY B 168 21.07 -7.45 7.82
C GLY B 168 21.61 -6.73 6.60
N ASP B 169 20.84 -5.74 6.14
CA ASP B 169 21.16 -5.00 4.95
C ASP B 169 22.54 -4.34 5.06
N GLU B 170 22.86 -3.78 6.22
CA GLU B 170 24.15 -3.15 6.44
C GLU B 170 25.17 -4.18 7.01
N GLY B 171 24.94 -5.48 6.79
CA GLY B 171 25.92 -6.51 7.21
C GLY B 171 25.95 -6.87 8.69
N GLN B 172 25.01 -6.33 9.47
CA GLN B 172 24.90 -6.65 10.89
C GLN B 172 24.30 -8.04 11.15
N PRO B 173 24.88 -8.78 12.11
CA PRO B 173 24.32 -10.09 12.45
C PRO B 173 23.05 -9.97 13.27
N VAL B 174 22.04 -10.77 12.94
CA VAL B 174 20.77 -10.77 13.62
C VAL B 174 20.41 -12.20 14.05
N LEU B 175 20.39 -12.44 15.36
CA LEU B 175 20.05 -13.76 15.94
C LEU B 175 18.60 -14.14 15.82
N MET B 176 18.34 -15.39 15.44
CA MET B 176 16.97 -15.92 15.35
C MET B 176 16.83 -17.25 16.11
N ASP B 177 15.65 -17.87 16.01
CA ASP B 177 15.41 -19.14 16.68
C ASP B 177 15.50 -18.94 18.20
N LEU B 178 14.54 -18.19 18.73
CA LEU B 178 14.54 -17.77 20.14
C LEU B 178 13.49 -18.49 20.98
N GLY B 179 12.56 -19.18 20.33
CA GLY B 179 11.43 -19.79 21.04
C GLY B 179 11.84 -20.77 22.11
N SER B 180 12.87 -21.57 21.81
CA SER B 180 13.33 -22.68 22.66
C SER B 180 14.52 -22.34 23.58
N MET B 181 14.71 -21.06 23.87
CA MET B 181 15.79 -20.66 24.74
C MET B 181 15.58 -21.10 26.18
N ASN B 182 16.63 -21.71 26.69
CA ASN B 182 16.68 -22.23 28.05
C ASN B 182 16.86 -21.07 29.02
N GLN B 183 16.75 -21.35 30.33
CA GLN B 183 17.24 -20.46 31.38
C GLN B 183 18.78 -20.47 31.38
N ALA B 184 19.40 -19.31 31.60
CA ALA B 184 20.86 -19.13 31.45
C ALA B 184 21.67 -20.12 32.25
N CYS B 185 21.22 -20.32 33.47
CA CYS B 185 22.04 -20.92 34.45
C CYS B 185 21.36 -22.09 35.16
N ILE B 186 21.94 -23.28 35.06
CA ILE B 186 21.28 -24.47 35.58
C ILE B 186 22.13 -25.28 36.58
N HIS B 187 21.81 -25.03 37.84
CA HIS B 187 22.03 -25.92 38.98
C HIS B 187 21.54 -27.37 38.73
N VAL B 188 22.46 -28.32 38.57
CA VAL B 188 22.12 -29.75 38.36
C VAL B 188 22.57 -30.58 39.56
N GLU B 189 21.60 -31.20 40.26
CA GLU B 189 21.89 -32.09 41.39
C GLU B 189 21.07 -33.38 41.27
N GLY B 190 21.70 -34.47 40.84
CA GLY B 190 21.01 -35.74 40.63
C GLY B 190 21.06 -36.20 39.19
N SER B 191 21.25 -37.51 39.02
CA SER B 191 21.35 -38.12 37.69
C SER B 191 20.11 -37.94 36.85
N ARG B 192 18.94 -37.98 37.50
CA ARG B 192 17.69 -37.84 36.78
C ARG B 192 17.74 -36.49 36.07
N GLN B 193 18.00 -35.43 36.84
CA GLN B 193 18.13 -34.05 36.28
C GLN B 193 19.12 -33.94 35.13
N ALA B 194 20.27 -34.60 35.28
CA ALA B 194 21.31 -34.60 34.25
C ALA B 194 20.84 -35.26 32.97
N LEU B 195 20.12 -36.36 33.11
CA LEU B 195 19.65 -37.08 31.93
C LEU B 195 18.58 -36.30 31.15
N THR B 196 17.59 -35.74 31.88
CA THR B 196 16.55 -34.95 31.25
C THR B 196 17.14 -33.72 30.55
N LEU B 197 18.20 -33.14 31.11
CA LEU B 197 18.85 -31.99 30.49
C LEU B 197 19.67 -32.38 29.25
N GLN B 198 20.42 -33.45 29.36
CA GLN B 198 21.21 -33.94 28.25
C GLN B 198 20.32 -34.32 27.07
N ASP B 199 19.18 -34.93 27.37
CA ASP B 199 18.17 -35.23 26.37
C ASP B 199 17.50 -33.99 25.77
N TRP B 200 17.34 -32.94 26.58
CA TRP B 200 16.80 -31.68 26.10
C TRP B 200 17.82 -31.05 25.12
N ALA B 201 19.07 -31.01 25.56
CA ALA B 201 20.21 -30.48 24.80
C ALA B 201 20.44 -31.24 23.51
N ALA B 202 20.34 -32.57 23.60
CA ALA B 202 20.42 -33.44 22.44
C ALA B 202 19.45 -32.97 21.37
N GLN B 203 18.35 -32.39 21.77
CA GLN B 203 17.30 -32.02 20.83
C GLN B 203 17.34 -30.53 20.42
N ARG B 204 17.93 -29.67 21.26
CA ARG B 204 17.99 -28.24 20.97
C ARG B 204 19.28 -27.81 20.28
N CYS B 205 20.40 -28.40 20.68
CA CYS B 205 21.71 -27.93 20.25
C CYS B 205 22.33 -28.73 19.15
N THR B 206 22.31 -28.17 17.96
CA THR B 206 22.95 -28.79 16.81
C THR B 206 24.31 -29.36 17.25
N ILE B 207 24.52 -30.63 16.97
CA ILE B 207 25.60 -31.40 17.58
C ILE B 207 26.99 -30.83 17.28
N SER B 208 27.16 -30.27 16.09
CA SER B 208 28.45 -29.76 15.62
C SER B 208 28.86 -28.44 16.29
N TYR B 209 27.94 -27.84 17.04
CA TYR B 209 28.12 -26.55 17.70
C TYR B 209 27.77 -26.60 19.19
N ARG B 210 27.50 -27.80 19.68
CA ARG B 210 27.11 -28.06 21.05
C ARG B 210 28.33 -28.13 21.96
N ALA B 211 28.22 -27.52 23.13
CA ALA B 211 29.33 -27.42 24.04
C ALA B 211 29.62 -28.78 24.68
N PRO B 212 30.87 -29.03 25.07
CA PRO B 212 31.26 -30.33 25.62
C PRO B 212 30.48 -30.76 26.88
N GLU B 213 30.19 -29.80 27.75
CA GLU B 213 29.48 -30.08 29.00
C GLU B 213 28.03 -30.55 28.80
N LEU B 214 27.46 -30.38 27.61
CA LEU B 214 26.12 -30.89 27.35
C LEU B 214 26.07 -32.32 26.78
N PHE B 215 27.23 -32.91 26.50
CA PHE B 215 27.25 -34.24 25.85
C PHE B 215 27.11 -35.33 26.89
N SER B 216 27.83 -35.16 27.98
CA SER B 216 27.77 -36.12 29.04
C SER B 216 27.63 -35.34 30.35
N VAL B 217 26.39 -35.05 30.70
CA VAL B 217 26.09 -34.07 31.73
C VAL B 217 26.31 -34.69 33.11
N GLN B 218 27.21 -34.08 33.88
CA GLN B 218 27.50 -34.49 35.26
C GLN B 218 26.28 -34.36 36.21
N SER B 219 26.22 -35.26 37.20
CA SER B 219 25.12 -35.32 38.17
C SER B 219 25.11 -34.18 39.16
N HIS B 220 26.27 -33.56 39.41
CA HIS B 220 26.36 -32.43 40.35
C HIS B 220 27.22 -31.31 39.78
N CYS B 221 26.59 -30.35 39.11
CA CYS B 221 27.33 -29.28 38.43
C CYS B 221 26.47 -28.08 38.09
N VAL B 222 27.12 -27.06 37.51
CA VAL B 222 26.44 -25.86 37.02
C VAL B 222 26.70 -25.69 35.54
N ILE B 223 25.63 -25.74 34.76
CA ILE B 223 25.64 -25.37 33.36
C ILE B 223 25.22 -23.90 33.36
N ASP B 224 25.95 -23.06 32.66
CA ASP B 224 25.63 -21.64 32.62
C ASP B 224 25.74 -21.11 31.19
N GLU B 225 25.88 -19.79 31.05
CA GLU B 225 25.75 -19.15 29.74
C GLU B 225 27.00 -19.25 28.86
N ARG B 226 28.11 -19.74 29.42
CA ARG B 226 29.33 -20.01 28.62
C ARG B 226 29.17 -21.15 27.59
N THR B 227 28.10 -21.90 27.71
CA THR B 227 27.67 -22.77 26.65
C THR B 227 27.59 -22.01 25.29
N ASP B 228 27.09 -20.78 25.33
CA ASP B 228 27.00 -19.97 24.12
C ASP B 228 28.36 -19.52 23.61
N VAL B 229 29.32 -19.29 24.53
CA VAL B 229 30.69 -18.94 24.17
C VAL B 229 31.38 -20.06 23.36
N TRP B 230 31.11 -21.31 23.69
CA TRP B 230 31.68 -22.41 22.93
C TRP B 230 31.13 -22.33 21.51
N SER B 231 29.82 -22.15 21.39
CA SER B 231 29.21 -22.10 20.08
C SER B 231 29.78 -20.92 19.29
N LEU B 232 30.06 -19.83 19.97
CA LEU B 232 30.57 -18.67 19.29
C LEU B 232 31.98 -18.93 18.79
N GLY B 233 32.80 -19.61 19.59
CA GLY B 233 34.10 -20.07 19.12
C GLY B 233 34.00 -20.88 17.84
N CYS B 234 33.03 -21.78 17.74
CA CYS B 234 32.83 -22.58 16.52
C CYS B 234 32.39 -21.76 15.34
N VAL B 235 31.56 -20.74 15.58
CA VAL B 235 31.18 -19.79 14.52
C VAL B 235 32.41 -18.99 14.04
N LEU B 236 33.29 -18.63 14.97
CA LEU B 236 34.50 -17.93 14.63
C LEU B 236 35.37 -18.81 13.74
N TYR B 237 35.49 -20.09 14.07
CA TYR B 237 36.27 -21.02 13.26
C TYR B 237 35.72 -21.11 11.83
N ALA B 238 34.40 -21.19 11.73
CA ALA B 238 33.77 -21.27 10.43
C ALA B 238 34.08 -20.02 9.58
N MET B 239 34.08 -18.82 10.18
CA MET B 239 34.42 -17.59 9.44
C MET B 239 35.90 -17.57 9.02
N MET B 240 36.76 -18.08 9.90
CA MET B 240 38.20 -18.15 9.62
C MET B 240 38.60 -19.27 8.68
N PHE B 241 37.87 -20.38 8.66
CA PHE B 241 38.29 -21.51 7.83
C PHE B 241 37.37 -21.90 6.69
N GLY B 242 36.16 -21.34 6.65
CA GLY B 242 35.19 -21.65 5.59
C GLY B 242 34.32 -22.85 5.90
N GLU B 243 34.48 -23.41 7.10
CA GLU B 243 33.59 -24.46 7.59
C GLU B 243 33.77 -24.66 9.08
N GLY B 244 32.69 -25.12 9.74
CA GLY B 244 32.70 -25.45 11.14
C GLY B 244 33.73 -26.52 11.46
N PRO B 245 34.23 -26.50 12.71
CA PRO B 245 35.35 -27.34 13.12
C PRO B 245 35.00 -28.82 13.28
N TYR B 246 33.72 -29.17 13.34
CA TYR B 246 33.29 -30.60 13.39
C TYR B 246 32.47 -31.07 12.15
N ASP B 247 32.42 -30.23 11.12
CA ASP B 247 31.62 -30.53 9.93
C ASP B 247 32.12 -31.77 9.16
N MET B 248 33.42 -31.88 8.88
CA MET B 248 33.94 -33.03 8.15
C MET B 248 33.68 -34.33 8.94
N VAL B 249 33.79 -34.26 10.26
CA VAL B 249 33.55 -35.40 11.17
C VAL B 249 32.10 -35.87 11.12
N PHE B 250 31.18 -34.91 11.12
CA PHE B 250 29.76 -35.19 11.08
C PHE B 250 29.35 -35.82 9.74
N GLN B 251 29.80 -35.22 8.66
CA GLN B 251 29.62 -35.78 7.32
C GLN B 251 30.21 -37.16 7.12
N LYS B 252 31.43 -37.39 7.62
CA LYS B 252 32.07 -38.72 7.54
C LYS B 252 31.34 -39.78 8.39
N GLY B 253 30.35 -39.38 9.19
CA GLY B 253 29.63 -40.33 10.04
C GLY B 253 30.30 -40.64 11.36
N ASP B 254 31.46 -40.01 11.59
CA ASP B 254 32.24 -40.27 12.80
C ASP B 254 31.59 -39.55 13.95
N SER B 255 32.08 -39.83 15.17
CA SER B 255 31.52 -39.27 16.39
C SER B 255 31.97 -37.84 16.67
N VAL B 256 31.02 -36.92 16.77
CA VAL B 256 31.29 -35.55 17.17
C VAL B 256 31.56 -35.45 18.65
N ALA B 257 30.77 -36.21 19.41
CA ALA B 257 30.90 -36.35 20.86
C ALA B 257 32.35 -36.63 21.27
N LEU B 258 33.02 -37.52 20.55
CA LEU B 258 34.40 -37.87 20.90
C LEU B 258 35.39 -36.84 20.39
N ALA B 259 35.08 -36.24 19.24
CA ALA B 259 35.95 -35.28 18.62
C ALA B 259 35.98 -34.00 19.45
N VAL B 260 34.82 -33.66 20.04
CA VAL B 260 34.67 -32.47 20.87
C VAL B 260 35.41 -32.57 22.20
N GLN B 261 35.46 -33.77 22.79
CA GLN B 261 36.20 -33.99 24.02
C GLN B 261 37.71 -33.85 23.85
N ASN B 262 38.21 -33.94 22.60
CA ASN B 262 39.62 -33.63 22.28
C ASN B 262 39.73 -32.24 21.67
N GLN B 263 40.95 -31.73 21.46
CA GLN B 263 41.15 -30.28 21.41
C GLN B 263 42.46 -29.87 20.69
N LEU B 264 42.44 -28.71 20.00
CA LEU B 264 43.65 -28.08 19.44
C LEU B 264 44.03 -26.81 20.21
N SER B 269 48.01 -19.97 11.19
CA SER B 269 47.28 -19.69 9.96
C SER B 269 47.54 -18.27 9.47
N PRO B 270 48.78 -17.99 9.03
CA PRO B 270 49.23 -16.61 8.83
C PRO B 270 48.27 -15.68 8.08
N ARG B 271 47.10 -16.17 7.66
CA ARG B 271 46.08 -15.28 7.11
C ARG B 271 45.36 -14.46 8.18
N HIS B 272 45.50 -14.83 9.47
CA HIS B 272 44.91 -14.04 10.57
C HIS B 272 45.92 -13.64 11.62
N SER B 273 45.66 -12.53 12.27
CA SER B 273 46.50 -12.06 13.36
C SER B 273 46.46 -13.04 14.52
N SER B 274 47.39 -12.90 15.47
CA SER B 274 47.37 -13.74 16.69
C SER B 274 46.22 -13.39 17.63
N ALA B 275 45.87 -12.11 17.66
CA ALA B 275 44.67 -11.64 18.38
C ALA B 275 43.48 -12.53 18.10
N LEU B 276 43.18 -12.76 16.82
CA LEU B 276 42.05 -13.64 16.48
C LEU B 276 42.32 -15.06 16.87
N TRP B 277 43.54 -15.51 16.66
CA TRP B 277 43.87 -16.88 17.02
C TRP B 277 43.66 -17.15 18.52
N GLN B 278 44.11 -16.23 19.35
CA GLN B 278 43.89 -16.30 20.79
C GLN B 278 42.42 -16.26 21.20
N LEU B 279 41.62 -15.41 20.57
CA LEU B 279 40.19 -15.34 20.88
C LEU B 279 39.58 -16.68 20.61
N LEU B 280 39.92 -17.23 19.45
CA LEU B 280 39.38 -18.52 19.03
C LEU B 280 39.75 -19.61 20.03
N ASN B 281 41.03 -19.70 20.37
CA ASN B 281 41.45 -20.72 21.34
C ASN B 281 40.81 -20.58 22.71
N SER B 282 40.55 -19.35 23.14
CA SER B 282 40.00 -19.14 24.47
C SER B 282 38.54 -19.54 24.54
N MET B 283 37.78 -19.20 23.50
CA MET B 283 36.35 -19.51 23.47
C MET B 283 36.15 -21.02 23.41
N MET B 284 36.97 -21.66 22.57
CA MET B 284 36.95 -23.11 22.44
C MET B 284 37.92 -23.78 23.41
N THR B 285 37.83 -23.44 24.70
CA THR B 285 38.43 -24.28 25.74
C THR B 285 37.34 -25.25 26.19
N VAL B 286 37.74 -26.49 26.41
CA VAL B 286 36.79 -27.57 26.64
C VAL B 286 36.23 -27.53 28.07
N ASP B 287 37.10 -27.30 29.05
CA ASP B 287 36.68 -27.09 30.44
C ASP B 287 35.99 -25.74 30.60
N PRO B 288 34.68 -25.75 30.91
CA PRO B 288 33.93 -24.47 30.93
C PRO B 288 34.34 -23.54 32.07
N HIS B 289 35.02 -24.09 33.07
CA HIS B 289 35.45 -23.31 34.24
C HIS B 289 36.59 -22.38 33.83
N GLN B 290 37.26 -22.68 32.71
CA GLN B 290 38.37 -21.87 32.22
C GLN B 290 38.01 -21.12 30.95
N ARG B 291 36.76 -21.20 30.53
CA ARG B 291 36.30 -20.46 29.35
C ARG B 291 35.86 -19.05 29.75
N PRO B 292 36.17 -18.05 28.94
CA PRO B 292 35.78 -16.70 29.34
C PRO B 292 34.27 -16.42 29.24
N HIS B 293 33.81 -15.43 30.01
CA HIS B 293 32.44 -14.93 29.91
C HIS B 293 32.36 -13.85 28.86
N ILE B 294 31.14 -13.44 28.49
CA ILE B 294 30.92 -12.45 27.42
C ILE B 294 31.49 -11.06 27.74
N PRO B 295 31.32 -10.56 28.99
CA PRO B 295 31.91 -9.26 29.34
C PRO B 295 33.40 -9.16 29.00
N LEU B 296 34.18 -10.19 29.34
CA LEU B 296 35.61 -10.21 29.05
C LEU B 296 35.86 -10.19 27.53
N LEU B 297 35.13 -11.03 26.79
CA LEU B 297 35.27 -11.02 25.35
C LEU B 297 34.97 -9.67 24.74
N LEU B 298 33.85 -9.05 25.14
CA LEU B 298 33.56 -7.71 24.67
C LEU B 298 34.69 -6.70 24.95
N SER B 299 35.34 -6.74 26.12
CA SER B 299 36.50 -5.84 26.37
C SER B 299 37.56 -5.97 25.30
N GLN B 300 37.86 -7.23 24.99
CA GLN B 300 38.92 -7.62 24.08
C GLN B 300 38.60 -7.24 22.68
N LEU B 301 37.40 -7.59 22.24
CA LEU B 301 36.90 -7.12 20.96
C LEU B 301 36.84 -5.60 20.82
N GLU B 302 36.50 -4.88 21.87
CA GLU B 302 36.44 -3.41 21.79
C GLU B 302 37.82 -2.79 21.55
N ALA B 303 38.84 -3.32 22.24
CA ALA B 303 40.25 -2.96 22.00
C ALA B 303 40.72 -3.20 20.55
N LEU B 304 40.15 -4.24 19.91
CA LEU B 304 40.54 -4.65 18.56
C LEU B 304 39.78 -3.92 17.44
N GLN B 305 38.56 -3.44 17.72
CA GLN B 305 37.75 -2.85 16.68
C GLN B 305 36.88 -1.72 17.21
N PRO B 306 36.99 -0.51 16.62
CA PRO B 306 38.08 -0.04 15.75
C PRO B 306 39.35 0.14 16.56
N PRO B 307 40.51 -0.19 16.00
CA PRO B 307 41.74 -0.10 16.82
C PRO B 307 42.27 1.33 16.88
N ALA B 308 43.43 1.56 17.51
CA ALA B 308 44.06 2.89 17.55
C ALA B 308 45.35 2.97 16.72
CL CL C . 4.13 2.98 -27.45
O4 STU D . -20.52 5.45 -13.36
C25 STU D . -21.37 5.76 -12.28
C24 STU D . -22.75 6.38 -12.64
C23 STU D . -22.76 6.70 -14.15
C22 STU D . -21.45 7.49 -14.37
C21 STU D . -20.25 6.55 -14.21
C26 STU D . -20.02 5.90 -15.56
N2 STU D . -19.05 7.29 -13.79
C18 STU D . -18.76 7.51 -12.44
C19 STU D . -19.44 7.08 -11.29
C6 STU D . -18.94 7.42 -10.02
C7 STU D . -17.76 8.18 -9.90
C10 STU D . -17.10 8.60 -11.06
C11 STU D . -17.61 8.28 -12.30
C12 STU D . -17.17 8.57 -13.63
C17 STU D . -18.09 7.96 -14.52
C16 STU D . -17.90 8.10 -15.89
C15 STU D . -16.79 8.83 -16.29
C14 STU D . -15.90 9.42 -15.41
C13 STU D . -16.07 9.30 -14.05
C9 STU D . -15.88 9.39 -10.65
N1 STU D . -15.91 9.39 -9.19
C8 STU D . -16.98 8.70 -8.76
O5 STU D . -17.25 8.53 -7.59
C5 STU D . -19.88 6.83 -9.07
C20 STU D . -20.88 6.16 -9.85
C1 STU D . -21.95 5.48 -9.25
C2 STU D . -21.96 5.46 -7.85
C3 STU D . -20.99 6.11 -7.10
C4 STU D . -19.92 6.80 -7.67
N3 STU D . -20.59 6.37 -11.20
O6 STU D . -21.38 8.46 -13.32
C27 STU D . -20.96 9.70 -13.92
N4 STU D . -23.98 7.43 -14.59
C28 STU D . -24.04 8.90 -14.85
O4 STU E . 2.10 0.24 -31.79
C25 STU E . 1.23 0.71 -30.79
C24 STU E . 1.82 0.78 -29.40
C23 STU E . 3.16 0.01 -29.40
C22 STU E . 2.90 -1.32 -30.12
C21 STU E . 2.65 -1.03 -31.62
C26 STU E . 4.06 -1.02 -32.23
N2 STU E . 1.83 -2.11 -32.18
C18 STU E . 0.45 -2.07 -32.04
C19 STU E . -0.40 -1.09 -31.52
C6 STU E . -1.78 -1.29 -31.50
C7 STU E . -2.31 -2.47 -32.01
C10 STU E . -1.47 -3.43 -32.53
C11 STU E . -0.11 -3.25 -32.54
C12 STU E . 0.99 -4.05 -33.01
C17 STU E . 2.18 -3.32 -32.77
C16 STU E . 3.40 -3.90 -33.14
C15 STU E . 3.39 -5.16 -33.72
C14 STU E . 2.21 -5.84 -33.96
C13 STU E . 0.98 -5.31 -33.62
C9 STU E . -2.31 -4.56 -33.00
N1 STU E . -3.69 -4.18 -32.72
C8 STU E . -3.68 -2.97 -32.14
O5 STU E . -4.69 -2.38 -31.79
C5 STU E . -2.35 -0.11 -30.87
C20 STU E . -1.26 0.73 -30.54
C1 STU E . -1.46 1.97 -29.94
C2 STU E . -2.78 2.33 -29.67
C3 STU E . -3.87 1.52 -29.98
C4 STU E . -3.67 0.27 -30.60
N3 STU E . -0.09 0.09 -30.94
O6 STU E . 1.76 -1.90 -29.44
C27 STU E . 1.84 -3.32 -29.27
N4 STU E . 3.60 -0.21 -28.01
C28 STU E . 4.98 -0.68 -27.76
CL CL F . 10.08 -24.18 13.83
O4 STU G . 13.09 -21.02 5.36
C25 STU G . 14.06 -20.49 4.47
C24 STU G . 15.43 -21.18 4.46
C23 STU G . 15.48 -22.14 5.67
C22 STU G . 14.97 -21.34 6.87
C21 STU G . 13.44 -21.05 6.71
C26 STU G . 12.73 -22.26 7.28
N2 STU G . 13.14 -19.82 7.48
C18 STU G . 13.40 -18.57 6.92
C19 STU G . 13.83 -18.24 5.63
C6 STU G . 14.01 -16.89 5.29
C7 STU G . 13.75 -15.87 6.25
C10 STU G . 13.32 -16.24 7.52
C11 STU G . 13.16 -17.56 7.86
C12 STU G . 12.76 -18.23 9.07
C17 STU G . 12.78 -19.62 8.81
C16 STU G . 12.40 -20.47 9.84
C15 STU G . 12.05 -19.92 11.06
C14 STU G . 12.02 -18.56 11.31
C13 STU G . 12.38 -17.68 10.31
C9 STU G . 13.14 -14.95 8.29
N1 STU G . 13.49 -13.88 7.37
C8 STU G . 13.83 -14.41 6.19
O5 STU G . 14.18 -13.75 5.22
C5 STU G . 14.43 -16.90 3.91
C20 STU G . 14.50 -18.25 3.50
C1 STU G . 14.91 -18.60 2.21
C2 STU G . 15.22 -17.56 1.33
C3 STU G . 15.14 -16.21 1.73
C4 STU G . 14.76 -15.86 3.02
N3 STU G . 14.13 -19.03 4.57
O6 STU G . 15.79 -20.14 6.80
C27 STU G . 16.36 -19.77 8.06
N4 STU G . 16.85 -22.63 5.85
C28 STU G . 18.06 -21.78 5.64
O4 STU H . 18.83 -14.02 -4.46
C25 STU H . 19.38 -12.82 -3.97
C24 STU H . 20.33 -12.95 -2.75
C23 STU H . 20.30 -14.44 -2.35
C22 STU H . 18.83 -14.84 -2.14
C21 STU H . 18.17 -14.86 -3.54
C26 STU H . 18.39 -16.30 -3.97
N2 STU H . 16.76 -14.52 -3.32
C18 STU H . 16.34 -13.20 -3.29
C19 STU H . 17.04 -12.02 -3.50
C6 STU H . 16.36 -10.80 -3.42
C7 STU H . 15.00 -10.75 -3.11
C10 STU H . 14.33 -11.95 -2.91
C11 STU H . 14.98 -13.14 -2.98
C12 STU H . 14.53 -14.49 -2.79
C17 STU H . 15.66 -15.33 -2.99
C16 STU H . 15.49 -16.71 -2.87
C15 STU H . 14.23 -17.17 -2.56
C14 STU H . 13.14 -16.35 -2.40
C13 STU H . 13.27 -14.98 -2.50
C9 STU H . 12.89 -11.61 -2.62
N1 STU H . 12.82 -10.13 -2.66
C8 STU H . 14.03 -9.65 -2.96
O5 STU H . 14.26 -8.44 -3.07
C5 STU H . 17.35 -9.78 -3.69
C20 STU H . 18.57 -10.46 -3.94
C1 STU H . 19.73 -9.76 -4.24
C2 STU H . 19.63 -8.39 -4.27
C3 STU H . 18.42 -7.74 -4.04
C4 STU H . 17.25 -8.40 -3.74
N3 STU H . 18.34 -11.82 -3.81
O6 STU H . 18.28 -13.82 -1.28
C27 STU H . 17.46 -14.39 -0.27
N4 STU H . 20.98 -14.85 -1.11
C28 STU H . 21.13 -14.04 0.07
#